data_1W94
#
_entry.id   1W94
#
_cell.length_a   33.673
_cell.length_b   77.533
_cell.length_c   60.965
_cell.angle_alpha   90.00
_cell.angle_beta   100.01
_cell.angle_gamma   90.00
#
_symmetry.space_group_name_H-M   'P 1 21 1'
#
loop_
_entity.id
_entity.type
_entity.pdbx_description
1 polymer 'PROBABLE BRIX-DOMAIN RIBOSOMAL BIOGENESIS PROTEIN'
2 water water
#
_entity_poly.entity_id   1
_entity_poly.type   'polypeptide(L)'
_entity_poly.pdbx_seq_one_letter_code
;H(MSE)LLTTSRKPSQRTRSFSQRLSRI(MSE)GWRYINRGK(MSE)SLRDVLIEARGPVAVVSERHGNPARITFLDERG
GERGYILFNPSFE(MSE)KKPELADKAVRVSSCPPGSEGLCNL(MSE)GLEVDESSSRDAWSIRTDEEYAWV(MSE)EL
(MSE)DARGTPAGFKLLIRDFRVGE
;
_entity_poly.pdbx_strand_id   A,B
#
# COMPACT_ATOMS: atom_id res chain seq x y z
N HIS A 1 -6.00 -25.81 2.60
CA HIS A 1 -7.12 -25.73 1.61
C HIS A 1 -6.88 -25.01 0.26
N MSE A 2 -5.68 -24.46 0.04
CA MSE A 2 -5.42 -23.66 -1.16
C MSE A 2 -3.93 -23.51 -1.50
O MSE A 2 -3.08 -23.53 -0.60
CB MSE A 2 -6.02 -22.27 -0.99
CG MSE A 2 -6.75 -21.75 -2.20
SE MSE A 2 -7.58 -20.07 -1.74
CE MSE A 2 -9.01 -20.71 -0.66
N LEU A 3 -3.61 -23.41 -2.79
CA LEU A 3 -2.28 -22.97 -3.23
C LEU A 3 -2.32 -21.46 -3.50
N LEU A 4 -1.32 -20.74 -2.99
CA LEU A 4 -1.18 -19.34 -3.28
C LEU A 4 0.08 -19.13 -4.13
N THR A 5 -0.04 -18.20 -5.08
CA THR A 5 1.05 -17.70 -5.90
C THR A 5 0.78 -16.22 -6.23
N THR A 6 1.71 -15.63 -6.97
CA THR A 6 1.62 -14.24 -7.39
C THR A 6 1.48 -14.16 -8.92
N SER A 7 1.26 -12.95 -9.42
CA SER A 7 1.42 -12.63 -10.81
C SER A 7 2.91 -12.81 -11.22
N ARG A 8 3.19 -12.92 -12.51
CA ARG A 8 4.56 -13.06 -12.98
C ARG A 8 5.41 -11.82 -12.69
N LYS A 9 6.68 -12.06 -12.35
CA LYS A 9 7.67 -11.01 -12.03
C LYS A 9 7.19 -10.05 -10.92
N PRO A 10 6.95 -10.56 -9.69
CA PRO A 10 6.48 -9.75 -8.57
C PRO A 10 7.63 -8.97 -7.92
N SER A 11 7.29 -7.85 -7.29
CA SER A 11 8.28 -7.08 -6.56
C SER A 11 8.63 -7.80 -5.26
N GLN A 12 9.72 -7.38 -4.62
CA GLN A 12 10.07 -7.89 -3.28
C GLN A 12 8.90 -7.78 -2.29
N ARG A 13 8.20 -6.64 -2.31
CA ARG A 13 7.09 -6.44 -1.38
C ARG A 13 5.92 -7.42 -1.63
N THR A 14 5.60 -7.63 -2.90
CA THR A 14 4.57 -8.58 -3.24
C THR A 14 4.94 -10.00 -2.80
N ARG A 15 6.22 -10.36 -2.99
CA ARG A 15 6.76 -11.66 -2.51
C ARG A 15 6.62 -11.83 -0.99
N SER A 16 7.13 -10.84 -0.25
CA SER A 16 7.09 -10.82 1.19
C SER A 16 5.67 -10.94 1.69
N PHE A 17 4.79 -10.10 1.14
CA PHE A 17 3.39 -10.13 1.49
C PHE A 17 2.81 -11.53 1.28
N SER A 18 3.05 -12.10 0.11
CA SER A 18 2.35 -13.34 -0.27
C SER A 18 2.89 -14.53 0.51
N GLN A 19 4.19 -14.56 0.72
CA GLN A 19 4.79 -15.57 1.56
C GLN A 19 4.24 -15.49 3.00
N ARG A 20 4.24 -14.30 3.58
CA ARG A 20 3.60 -14.05 4.89
C ARG A 20 2.15 -14.55 4.95
N LEU A 21 1.32 -14.15 3.98
CA LEU A 21 -0.10 -14.50 4.00
C LEU A 21 -0.28 -16.01 3.93
N SER A 22 0.53 -16.66 3.09
CA SER A 22 0.36 -18.10 2.91
C SER A 22 0.75 -18.87 4.19
N ARG A 23 1.77 -18.39 4.88
CA ARG A 23 2.12 -18.91 6.19
C ARG A 23 0.98 -18.71 7.17
N ILE A 24 0.41 -17.51 7.21
CA ILE A 24 -0.69 -17.18 8.14
C ILE A 24 -1.89 -18.12 7.93
N MSE A 25 -2.25 -18.31 6.66
CA MSE A 25 -3.36 -19.16 6.23
C MSE A 25 -3.08 -20.67 6.26
O MSE A 25 -4.02 -21.46 6.29
CB MSE A 25 -3.77 -18.76 4.80
CG MSE A 25 -4.35 -17.35 4.67
SE MSE A 25 -5.83 -16.95 5.99
CE MSE A 25 -7.12 -18.48 5.60
N GLY A 26 -1.81 -21.06 6.27
CA GLY A 26 -1.42 -22.48 6.05
C GLY A 26 -1.74 -22.93 4.62
N TRP A 27 -1.71 -22.01 3.67
CA TRP A 27 -1.87 -22.34 2.25
C TRP A 27 -0.49 -22.70 1.69
N ARG A 28 -0.40 -23.64 0.76
CA ARG A 28 0.91 -23.91 0.12
C ARG A 28 1.33 -22.76 -0.83
N TYR A 29 2.56 -22.25 -0.65
CA TYR A 29 3.07 -21.18 -1.53
C TYR A 29 4.03 -21.70 -2.59
N ILE A 30 3.84 -21.26 -3.84
CA ILE A 30 4.83 -21.56 -4.89
C ILE A 30 5.26 -20.30 -5.63
N ASN A 31 6.53 -20.24 -6.03
CA ASN A 31 6.99 -19.13 -6.86
C ASN A 31 6.33 -19.26 -8.22
N ARG A 32 5.92 -18.13 -8.75
CA ARG A 32 5.15 -18.16 -9.97
C ARG A 32 6.04 -18.51 -11.15
N GLY A 33 7.30 -18.09 -11.07
CA GLY A 33 8.22 -18.19 -12.19
C GLY A 33 7.58 -17.67 -13.47
N LYS A 34 7.56 -18.50 -14.50
CA LYS A 34 7.02 -18.09 -15.79
C LYS A 34 5.76 -18.91 -16.21
N MSE A 35 5.08 -19.51 -15.23
CA MSE A 35 3.90 -20.33 -15.52
C MSE A 35 2.68 -19.52 -15.93
O MSE A 35 2.44 -18.43 -15.42
CB MSE A 35 3.51 -21.15 -14.29
CG MSE A 35 4.64 -22.05 -13.80
SE MSE A 35 4.02 -23.01 -12.22
CE MSE A 35 3.50 -24.54 -12.99
N SER A 36 1.92 -20.08 -16.85
CA SER A 36 0.55 -19.67 -17.08
C SER A 36 -0.32 -20.09 -15.89
N LEU A 37 -1.50 -19.49 -15.77
CA LEU A 37 -2.48 -19.89 -14.78
C LEU A 37 -2.83 -21.34 -14.92
N ARG A 38 -2.98 -21.80 -16.16
CA ARG A 38 -3.22 -23.22 -16.43
C ARG A 38 -2.15 -24.15 -15.81
N ASP A 39 -0.88 -23.77 -15.94
CA ASP A 39 0.17 -24.57 -15.34
C ASP A 39 0.20 -24.46 -13.81
N VAL A 40 -0.19 -23.31 -13.28
CA VAL A 40 -0.38 -23.20 -11.82
C VAL A 40 -1.48 -24.17 -11.37
N LEU A 41 -2.57 -24.25 -12.11
CA LEU A 41 -3.69 -25.11 -11.68
C LEU A 41 -3.32 -26.60 -11.75
N ILE A 42 -2.51 -26.94 -12.73
CA ILE A 42 -1.96 -28.30 -12.82
C ILE A 42 -1.13 -28.61 -11.59
N GLU A 43 -0.28 -27.69 -11.18
CA GLU A 43 0.56 -27.90 -10.00
C GLU A 43 -0.26 -27.98 -8.71
N ALA A 44 -1.33 -27.18 -8.62
CA ALA A 44 -2.14 -27.08 -7.41
C ALA A 44 -3.02 -28.31 -7.18
N ARG A 45 -3.55 -28.87 -8.26
CA ARG A 45 -4.53 -29.97 -8.16
C ARG A 45 -5.62 -29.66 -7.12
N GLY A 46 -6.23 -28.48 -7.23
CA GLY A 46 -7.02 -27.90 -6.12
C GLY A 46 -7.24 -26.41 -6.35
N PRO A 47 -7.98 -25.75 -5.45
CA PRO A 47 -8.17 -24.30 -5.53
C PRO A 47 -6.88 -23.47 -5.41
N VAL A 48 -6.85 -22.36 -6.14
CA VAL A 48 -5.74 -21.41 -6.04
C VAL A 48 -6.18 -19.95 -5.81
N ALA A 49 -5.32 -19.19 -5.13
CA ALA A 49 -5.40 -17.74 -5.05
C ALA A 49 -4.13 -17.15 -5.69
N VAL A 50 -4.33 -16.09 -6.47
CA VAL A 50 -3.24 -15.37 -7.12
C VAL A 50 -3.23 -13.92 -6.58
N VAL A 51 -2.12 -13.52 -5.97
CA VAL A 51 -1.94 -12.13 -5.60
C VAL A 51 -1.33 -11.42 -6.80
N SER A 52 -2.08 -10.52 -7.40
CA SER A 52 -1.53 -9.67 -8.46
C SER A 52 -1.27 -8.24 -7.98
N GLU A 53 -0.42 -7.52 -8.73
CA GLU A 53 -0.02 -6.16 -8.39
C GLU A 53 -0.44 -5.14 -9.42
N ARG A 54 -0.42 -3.89 -9.00
CA ARG A 54 -0.38 -2.78 -9.92
C ARG A 54 0.76 -1.90 -9.41
N HIS A 55 1.68 -1.52 -10.30
CA HIS A 55 2.79 -0.62 -9.94
C HIS A 55 3.64 -1.15 -8.78
N GLY A 56 3.81 -2.48 -8.73
CA GLY A 56 4.72 -3.09 -7.75
C GLY A 56 4.17 -3.36 -6.36
N ASN A 57 2.91 -2.97 -6.12
CA ASN A 57 2.20 -3.27 -4.87
C ASN A 57 1.15 -4.38 -5.08
N PRO A 58 1.03 -5.31 -4.13
CA PRO A 58 -0.11 -6.22 -4.18
C PRO A 58 -1.43 -5.42 -4.09
N ALA A 59 -2.35 -5.72 -4.99
CA ALA A 59 -3.54 -4.91 -5.21
C ALA A 59 -4.80 -5.77 -5.33
N ARG A 60 -4.63 -7.03 -5.70
CA ARG A 60 -5.78 -7.92 -5.93
C ARG A 60 -5.42 -9.37 -5.57
N ILE A 61 -6.35 -10.06 -4.93
CA ILE A 61 -6.29 -11.50 -4.80
C ILE A 61 -7.45 -12.12 -5.56
N THR A 62 -7.11 -12.96 -6.53
CA THR A 62 -8.11 -13.65 -7.33
C THR A 62 -8.23 -15.10 -6.91
N PHE A 63 -9.46 -15.57 -6.70
CA PHE A 63 -9.64 -16.94 -6.25
C PHE A 63 -10.19 -17.83 -7.35
N LEU A 64 -9.52 -18.94 -7.61
CA LEU A 64 -9.95 -19.91 -8.61
C LEU A 64 -10.32 -21.24 -8.00
N ASP A 65 -11.31 -21.90 -8.59
CA ASP A 65 -11.61 -23.26 -8.19
C ASP A 65 -10.63 -24.21 -8.89
N GLU A 66 -10.70 -25.49 -8.56
CA GLU A 66 -9.70 -26.43 -9.08
C GLU A 66 -9.67 -26.53 -10.61
N ARG A 67 -10.81 -26.27 -11.26
CA ARG A 67 -10.87 -26.28 -12.73
C ARG A 67 -10.59 -24.92 -13.35
N GLY A 68 -10.26 -23.94 -12.52
CA GLY A 68 -9.91 -22.64 -13.05
C GLY A 68 -11.05 -21.67 -13.17
N GLY A 69 -12.24 -22.05 -12.70
CA GLY A 69 -13.36 -21.12 -12.64
C GLY A 69 -13.08 -20.05 -11.58
N GLU A 70 -13.45 -18.81 -11.88
CA GLU A 70 -13.16 -17.70 -10.98
C GLU A 70 -14.28 -17.57 -9.96
N ARG A 71 -13.92 -17.82 -8.71
CA ARG A 71 -14.84 -17.77 -7.60
C ARG A 71 -15.14 -16.31 -7.27
N GLY A 72 -14.13 -15.45 -7.43
CA GLY A 72 -14.24 -14.07 -7.01
C GLY A 72 -12.87 -13.43 -6.80
N TYR A 73 -12.88 -12.19 -6.35
CA TYR A 73 -11.61 -11.48 -6.15
C TYR A 73 -11.78 -10.42 -5.09
N ILE A 74 -10.65 -10.03 -4.51
CA ILE A 74 -10.64 -8.95 -3.52
C ILE A 74 -9.65 -7.90 -4.02
N LEU A 75 -10.05 -6.63 -4.01
CA LEU A 75 -9.11 -5.50 -4.25
C LEU A 75 -8.77 -4.90 -2.91
N PHE A 76 -7.47 -4.71 -2.67
CA PHE A 76 -6.96 -4.33 -1.35
C PHE A 76 -5.59 -3.65 -1.39
N ASN A 77 -5.22 -3.04 -0.26
CA ASN A 77 -3.83 -2.65 0.00
C ASN A 77 -3.40 -3.40 1.27
N PRO A 78 -2.18 -3.96 1.27
CA PRO A 78 -1.76 -4.59 2.53
C PRO A 78 -1.23 -3.57 3.52
N SER A 79 -1.29 -3.93 4.79
CA SER A 79 -0.68 -3.17 5.87
C SER A 79 -0.09 -4.21 6.81
N PHE A 80 1.23 -4.27 6.86
CA PHE A 80 1.90 -5.22 7.74
C PHE A 80 3.20 -4.65 8.29
N GLU A 81 3.46 -4.95 9.57
CA GLU A 81 4.70 -4.57 10.24
C GLU A 81 5.84 -5.55 9.91
N MSE A 82 7.05 -5.22 10.36
CA MSE A 82 8.21 -6.09 10.05
C MSE A 82 8.17 -7.40 10.84
O MSE A 82 8.53 -8.45 10.31
CB MSE A 82 9.53 -5.36 10.29
CG MSE A 82 9.96 -5.32 11.73
SE MSE A 82 11.65 -4.32 11.87
CE MSE A 82 10.88 -2.56 12.55
N LYS A 83 7.71 -7.33 12.09
CA LYS A 83 7.71 -8.46 13.02
C LYS A 83 6.73 -9.53 12.54
N LYS A 84 7.19 -10.77 12.58
CA LYS A 84 6.41 -11.95 12.25
C LYS A 84 5.23 -12.09 13.22
N PRO A 85 4.03 -12.33 12.69
CA PRO A 85 2.88 -12.55 13.59
C PRO A 85 3.08 -13.79 14.48
N GLU A 86 2.65 -13.72 15.73
CA GLU A 86 2.71 -14.88 16.62
C GLU A 86 1.42 -15.69 16.56
N LEU A 87 1.46 -16.81 15.86
CA LEU A 87 0.29 -17.67 15.67
C LEU A 87 0.52 -19.10 16.18
N ALA A 88 -0.53 -19.70 16.73
CA ALA A 88 -0.50 -21.08 17.23
C ALA A 88 -1.23 -22.03 16.29
N ASP A 89 -1.81 -21.49 15.23
CA ASP A 89 -2.60 -22.26 14.28
C ASP A 89 -2.76 -21.49 12.97
N LYS A 90 -3.19 -22.22 11.93
CA LYS A 90 -3.73 -21.62 10.69
C LYS A 90 -4.84 -20.64 11.04
N ALA A 91 -4.79 -19.45 10.45
CA ALA A 91 -5.77 -18.43 10.79
C ALA A 91 -7.02 -18.61 9.91
N VAL A 92 -7.75 -19.69 10.11
CA VAL A 92 -8.89 -19.96 9.24
C VAL A 92 -10.21 -19.59 9.92
N ARG A 93 -10.13 -18.88 11.04
CA ARG A 93 -11.30 -18.50 11.78
C ARG A 93 -11.53 -17.01 11.63
N VAL A 94 -12.77 -16.61 11.83
CA VAL A 94 -13.13 -15.20 11.85
C VAL A 94 -14.15 -15.04 13.00
N SER A 95 -14.13 -13.90 13.67
CA SER A 95 -15.01 -13.71 14.81
C SER A 95 -16.47 -13.45 14.37
N SER A 96 -16.66 -12.87 13.19
CA SER A 96 -17.96 -12.50 12.65
C SER A 96 -17.76 -11.94 11.26
N CYS A 97 -18.69 -12.23 10.34
CA CYS A 97 -18.76 -11.51 9.06
C CYS A 97 -20.04 -10.70 9.02
N PRO A 98 -19.97 -9.42 9.44
CA PRO A 98 -21.17 -8.57 9.45
C PRO A 98 -21.83 -8.47 8.05
N PRO A 99 -23.14 -8.15 7.99
CA PRO A 99 -23.82 -8.13 6.70
C PRO A 99 -23.11 -7.26 5.66
N GLY A 100 -22.97 -7.80 4.46
CA GLY A 100 -22.18 -7.18 3.44
C GLY A 100 -20.75 -7.67 3.32
N SER A 101 -20.26 -8.45 4.30
CA SER A 101 -18.87 -8.92 4.23
C SER A 101 -18.76 -10.44 4.01
N GLU A 102 -19.90 -11.14 3.92
CA GLU A 102 -19.91 -12.61 3.84
C GLU A 102 -19.01 -13.16 2.73
N GLY A 103 -18.90 -12.46 1.60
CA GLY A 103 -18.11 -12.94 0.48
C GLY A 103 -16.63 -13.02 0.83
N LEU A 104 -16.14 -12.08 1.65
CA LEU A 104 -14.77 -12.17 2.14
C LEU A 104 -14.52 -13.50 2.79
N CYS A 105 -15.43 -13.90 3.68
CA CYS A 105 -15.28 -15.16 4.38
C CYS A 105 -15.37 -16.36 3.43
N ASN A 106 -16.29 -16.31 2.47
CA ASN A 106 -16.47 -17.41 1.53
C ASN A 106 -15.26 -17.61 0.63
N LEU A 107 -14.71 -16.51 0.11
CA LEU A 107 -13.55 -16.58 -0.78
C LEU A 107 -12.35 -17.18 -0.06
N MSE A 108 -12.08 -16.71 1.15
CA MSE A 108 -10.89 -17.10 1.88
C MSE A 108 -11.06 -18.38 2.68
O MSE A 108 -10.08 -18.85 3.29
CB MSE A 108 -10.45 -15.96 2.78
CG MSE A 108 -9.91 -14.82 1.96
SE MSE A 108 -9.41 -13.37 3.02
CE MSE A 108 -7.72 -14.11 3.93
N GLY A 109 -12.26 -18.91 2.69
CA GLY A 109 -12.56 -20.15 3.38
C GLY A 109 -12.50 -19.99 4.88
N LEU A 110 -12.95 -18.85 5.41
CA LEU A 110 -12.90 -18.65 6.85
C LEU A 110 -14.12 -19.26 7.54
N GLU A 111 -13.97 -19.79 8.74
CA GLU A 111 -15.15 -20.26 9.50
C GLU A 111 -15.37 -19.36 10.68
N VAL A 112 -16.63 -19.03 10.94
CA VAL A 112 -16.98 -18.23 12.10
C VAL A 112 -16.75 -19.04 13.37
N ASP A 113 -16.07 -18.44 14.34
CA ASP A 113 -15.77 -19.06 15.62
C ASP A 113 -15.93 -18.02 16.70
N GLU A 114 -16.98 -18.19 17.51
CA GLU A 114 -17.29 -17.22 18.55
C GLU A 114 -16.70 -17.62 19.89
N SER A 115 -16.02 -18.76 19.94
CA SER A 115 -15.44 -19.21 21.19
C SER A 115 -14.13 -18.50 21.54
N SER A 116 -13.33 -18.11 20.55
CA SER A 116 -12.16 -17.26 20.82
C SER A 116 -11.71 -16.45 19.63
N SER A 117 -11.02 -15.35 19.92
CA SER A 117 -10.49 -14.47 18.91
C SER A 117 -8.99 -14.65 18.68
N ARG A 118 -8.41 -15.73 19.21
CA ARG A 118 -6.98 -15.97 18.96
C ARG A 118 -6.74 -16.68 17.64
N ASP A 119 -5.66 -16.31 16.96
CA ASP A 119 -5.32 -16.93 15.66
C ASP A 119 -6.48 -16.76 14.69
N ALA A 120 -7.07 -15.58 14.69
CA ALA A 120 -8.37 -15.33 14.02
C ALA A 120 -8.45 -13.97 13.34
N TRP A 121 -9.36 -13.83 12.38
CA TRP A 121 -9.58 -12.55 11.74
C TRP A 121 -10.71 -11.77 12.38
N SER A 122 -10.53 -10.45 12.37
CA SER A 122 -11.56 -9.53 12.78
C SER A 122 -11.89 -8.73 11.51
N ILE A 123 -13.18 -8.64 11.16
CA ILE A 123 -13.64 -7.81 10.05
C ILE A 123 -14.42 -6.64 10.57
N ARG A 124 -14.06 -5.43 10.13
CA ARG A 124 -14.81 -4.27 10.55
C ARG A 124 -14.93 -3.19 9.47
N THR A 125 -15.84 -2.24 9.67
CA THR A 125 -15.96 -1.11 8.75
C THR A 125 -14.87 -0.08 9.04
N ASP A 126 -14.68 0.84 8.10
CA ASP A 126 -13.61 1.83 8.16
C ASP A 126 -14.10 3.12 7.48
N GLU A 127 -13.50 4.26 7.80
CA GLU A 127 -13.93 5.52 7.19
C GLU A 127 -13.44 5.65 5.74
N GLU A 128 -12.33 4.97 5.42
CA GLU A 128 -11.77 5.03 4.08
C GLU A 128 -12.01 3.76 3.26
N TYR A 129 -11.73 2.61 3.86
CA TYR A 129 -11.84 1.33 3.17
C TYR A 129 -13.23 0.77 3.36
N ALA A 130 -13.65 -0.09 2.44
CA ALA A 130 -14.91 -0.82 2.59
C ALA A 130 -14.93 -1.68 3.88
N TRP A 131 -13.84 -2.42 4.07
CA TRP A 131 -13.62 -3.30 5.21
C TRP A 131 -12.15 -3.30 5.57
N VAL A 132 -11.86 -3.48 6.86
CA VAL A 132 -10.52 -3.85 7.32
C VAL A 132 -10.57 -5.25 7.95
N MSE A 133 -9.72 -6.15 7.45
CA MSE A 133 -9.57 -7.48 7.98
C MSE A 133 -8.27 -7.48 8.73
O MSE A 133 -7.19 -7.34 8.15
CB MSE A 133 -9.49 -8.54 6.88
CG MSE A 133 -10.74 -8.71 6.10
SE MSE A 133 -10.53 -10.16 4.83
CE MSE A 133 -10.45 -11.64 6.03
N GLU A 134 -8.38 -7.65 10.03
CA GLU A 134 -7.22 -7.59 10.89
C GLU A 134 -6.96 -8.93 11.57
N LEU A 135 -5.72 -9.36 11.50
CA LEU A 135 -5.32 -10.61 12.12
C LEU A 135 -5.13 -10.39 13.61
N MSE A 136 -5.76 -11.25 14.41
CA MSE A 136 -5.55 -11.31 15.84
C MSE A 136 -4.61 -12.47 16.08
O MSE A 136 -4.81 -13.56 15.55
CB MSE A 136 -6.87 -11.54 16.57
CG MSE A 136 -7.96 -10.49 16.32
SE MSE A 136 -7.32 -8.64 16.56
CE MSE A 136 -7.51 -8.42 18.42
N ASP A 137 -3.59 -12.25 16.92
CA ASP A 137 -2.58 -13.29 17.14
C ASP A 137 -2.97 -14.34 18.20
N ALA A 138 -2.01 -15.21 18.54
CA ALA A 138 -2.25 -16.30 19.50
C ALA A 138 -2.68 -15.84 20.88
N ARG A 139 -2.57 -14.54 21.15
CA ARG A 139 -3.01 -13.99 22.42
C ARG A 139 -4.29 -13.16 22.24
N GLY A 140 -4.82 -13.15 21.03
CA GLY A 140 -6.00 -12.37 20.68
C GLY A 140 -5.80 -10.86 20.66
N THR A 141 -4.57 -10.42 20.47
CA THR A 141 -4.28 -8.99 20.26
C THR A 141 -3.80 -8.79 18.80
N PRO A 142 -3.83 -7.54 18.30
CA PRO A 142 -3.52 -7.30 16.87
C PRO A 142 -2.14 -7.77 16.46
N ALA A 143 -2.10 -8.55 15.38
CA ALA A 143 -0.85 -9.22 14.93
C ALA A 143 0.10 -8.29 14.15
N GLY A 144 -0.40 -7.13 13.76
CA GLY A 144 0.33 -6.26 12.84
C GLY A 144 0.23 -6.73 11.40
N PHE A 145 -0.95 -7.19 11.00
CA PHE A 145 -1.20 -7.66 9.64
C PHE A 145 -2.66 -7.45 9.25
N LYS A 146 -2.88 -6.56 8.29
CA LYS A 146 -4.23 -6.20 7.86
C LYS A 146 -4.36 -6.25 6.36
N LEU A 147 -5.58 -6.56 5.94
CA LEU A 147 -5.99 -6.40 4.56
C LEU A 147 -6.99 -5.24 4.51
N LEU A 148 -6.62 -4.19 3.78
CA LEU A 148 -7.41 -2.99 3.67
C LEU A 148 -8.23 -3.12 2.39
N ILE A 149 -9.48 -3.49 2.56
CA ILE A 149 -10.29 -3.95 1.43
C ILE A 149 -10.98 -2.77 0.79
N ARG A 150 -10.68 -2.56 -0.48
CA ARG A 150 -11.35 -1.56 -1.28
C ARG A 150 -12.66 -2.07 -1.87
N ASP A 151 -12.72 -3.33 -2.24
CA ASP A 151 -13.92 -3.87 -2.90
C ASP A 151 -13.71 -5.38 -2.98
N PHE A 152 -14.79 -6.12 -3.19
CA PHE A 152 -14.66 -7.55 -3.55
C PHE A 152 -15.89 -7.98 -4.30
N ARG A 153 -15.72 -8.98 -5.13
CA ARG A 153 -16.82 -9.47 -5.95
C ARG A 153 -16.77 -10.97 -5.98
N VAL A 154 -17.94 -11.57 -5.87
CA VAL A 154 -18.08 -13.02 -5.87
C VAL A 154 -19.01 -13.39 -7.00
N GLY A 155 -18.58 -14.31 -7.86
CA GLY A 155 -19.39 -14.85 -8.95
C GLY A 155 -19.52 -13.86 -10.09
N MSE B 2 11.91 23.15 1.36
CA MSE B 2 10.83 22.74 2.30
C MSE B 2 11.29 21.77 3.39
O MSE B 2 12.20 20.97 3.17
CB MSE B 2 9.69 22.09 1.51
CG MSE B 2 8.42 21.99 2.29
SE MSE B 2 7.04 21.40 1.15
CE MSE B 2 6.75 23.05 0.13
N LEU B 3 10.66 21.86 4.56
CA LEU B 3 10.86 20.88 5.64
C LEU B 3 9.82 19.77 5.58
N LEU B 4 10.25 18.52 5.68
CA LEU B 4 9.30 17.39 5.67
C LEU B 4 9.38 16.56 6.95
N THR B 5 8.22 16.22 7.50
CA THR B 5 8.17 15.28 8.64
C THR B 5 6.95 14.39 8.53
N THR B 6 6.65 13.63 9.57
CA THR B 6 5.49 12.76 9.54
C THR B 6 4.53 13.14 10.64
N SER B 7 3.41 12.43 10.70
CA SER B 7 2.54 12.47 11.85
C SER B 7 3.29 11.80 13.01
N ARG B 8 2.76 11.87 14.22
CA ARG B 8 3.45 11.27 15.36
C ARG B 8 3.35 9.75 15.41
N LYS B 9 4.39 9.10 15.93
CA LYS B 9 4.50 7.62 15.95
C LYS B 9 4.33 6.95 14.58
N PRO B 10 5.18 7.30 13.59
CA PRO B 10 4.95 6.73 12.28
C PRO B 10 5.43 5.28 12.24
N SER B 11 4.88 4.47 11.32
CA SER B 11 5.42 3.13 11.11
C SER B 11 6.80 3.27 10.47
N GLN B 12 7.51 2.15 10.39
CA GLN B 12 8.82 2.14 9.76
C GLN B 12 8.70 2.38 8.26
N ARG B 13 7.63 1.87 7.66
CA ARG B 13 7.41 2.06 6.24
C ARG B 13 7.23 3.56 5.94
N THR B 14 6.49 4.24 6.80
CA THR B 14 6.26 5.67 6.65
C THR B 14 7.57 6.47 6.79
N ARG B 15 8.33 6.14 7.83
CA ARG B 15 9.59 6.80 8.13
C ARG B 15 10.54 6.69 6.95
N SER B 16 10.60 5.49 6.37
CA SER B 16 11.53 5.20 5.30
C SER B 16 11.11 5.84 3.97
N PHE B 17 9.83 5.77 3.65
CA PHE B 17 9.29 6.46 2.49
C PHE B 17 9.60 7.97 2.54
N SER B 18 9.40 8.55 3.73
CA SER B 18 9.47 10.01 3.90
C SER B 18 10.88 10.48 3.75
N GLN B 19 11.80 9.72 4.35
CA GLN B 19 13.21 9.99 4.20
C GLN B 19 13.63 9.94 2.74
N ARG B 20 13.16 8.95 2.00
CA ARG B 20 13.54 8.82 0.60
C ARG B 20 12.95 9.96 -0.24
N LEU B 21 11.67 10.23 -0.05
CA LEU B 21 11.03 11.34 -0.73
C LEU B 21 11.83 12.64 -0.53
N SER B 22 12.24 12.87 0.72
CA SER B 22 12.89 14.09 1.11
C SER B 22 14.24 14.24 0.42
N ARG B 23 15.02 13.15 0.40
CA ARG B 23 16.24 13.07 -0.40
C ARG B 23 16.01 13.40 -1.89
N ILE B 24 15.07 12.70 -2.52
CA ILE B 24 14.76 12.90 -3.93
C ILE B 24 14.41 14.36 -4.25
N MSE B 25 13.64 14.99 -3.37
CA MSE B 25 13.17 16.36 -3.60
C MSE B 25 14.16 17.45 -3.25
O MSE B 25 14.01 18.59 -3.70
CB MSE B 25 11.87 16.63 -2.83
CG MSE B 25 10.68 15.78 -3.25
SE MSE B 25 10.26 16.02 -5.14
CE MSE B 25 9.97 17.98 -5.21
N GLY B 26 15.17 17.13 -2.44
CA GLY B 26 16.06 18.12 -1.87
C GLY B 26 15.36 18.85 -0.73
N TRP B 27 14.42 18.16 -0.08
CA TRP B 27 13.78 18.65 1.14
C TRP B 27 14.58 18.22 2.36
N ARG B 28 14.29 18.85 3.48
CA ARG B 28 14.98 18.57 4.71
C ARG B 28 14.06 17.73 5.59
N TYR B 29 14.47 16.50 5.88
CA TYR B 29 13.72 15.64 6.79
C TYR B 29 14.12 15.82 8.25
N ILE B 30 13.14 15.94 9.13
CA ILE B 30 13.40 15.74 10.55
C ILE B 30 12.41 14.73 11.14
N ASN B 31 12.93 13.89 12.05
CA ASN B 31 12.12 12.99 12.83
C ASN B 31 11.08 13.75 13.66
N ARG B 32 9.83 13.32 13.59
CA ARG B 32 8.73 14.01 14.28
C ARG B 32 8.81 13.98 15.80
N GLY B 33 9.10 12.80 16.36
CA GLY B 33 9.18 12.62 17.80
C GLY B 33 7.91 13.04 18.53
N LYS B 34 8.08 13.89 19.52
CA LYS B 34 6.96 14.34 20.34
C LYS B 34 6.54 15.79 20.02
N MSE B 35 7.19 16.38 19.00
CA MSE B 35 6.89 17.75 18.57
C MSE B 35 5.43 17.98 18.25
O MSE B 35 4.74 17.14 17.67
CB MSE B 35 7.70 18.11 17.32
CG MSE B 35 9.18 18.33 17.55
SE MSE B 35 10.10 18.44 15.85
CE MSE B 35 10.32 20.40 15.74
N SER B 36 4.96 19.16 18.65
CA SER B 36 3.66 19.63 18.24
C SER B 36 3.81 20.23 16.85
N LEU B 37 2.68 20.40 16.18
CA LEU B 37 2.66 21.02 14.87
C LEU B 37 3.25 22.44 14.88
N ARG B 38 3.04 23.15 15.99
CA ARG B 38 3.62 24.47 16.16
C ARG B 38 5.14 24.40 16.30
N ASP B 39 5.65 23.37 16.99
CA ASP B 39 7.11 23.21 17.15
C ASP B 39 7.79 22.94 15.81
N VAL B 40 7.10 22.20 14.94
CA VAL B 40 7.61 21.89 13.61
C VAL B 40 7.71 23.14 12.72
N LEU B 41 6.64 23.93 12.67
CA LEU B 41 6.65 25.20 11.93
C LEU B 41 7.78 26.16 12.33
N ILE B 42 8.19 26.06 13.59
CA ILE B 42 9.27 26.90 14.12
C ILE B 42 10.63 26.41 13.62
N GLU B 43 10.84 25.10 13.69
CA GLU B 43 12.04 24.50 13.13
C GLU B 43 12.09 24.75 11.62
N ALA B 44 10.93 24.64 10.99
CA ALA B 44 10.80 24.80 9.54
C ALA B 44 11.31 26.13 9.02
N ARG B 45 11.05 27.23 9.75
CA ARG B 45 11.42 28.56 9.29
C ARG B 45 10.85 28.81 7.88
N GLY B 46 9.74 28.12 7.58
CA GLY B 46 9.17 28.14 6.25
C GLY B 46 8.09 27.09 6.05
N PRO B 47 7.76 26.78 4.78
CA PRO B 47 6.73 25.80 4.44
C PRO B 47 7.12 24.42 4.88
N VAL B 48 6.10 23.66 5.27
CA VAL B 48 6.31 22.27 5.71
C VAL B 48 5.36 21.28 5.01
N ALA B 49 5.84 20.06 4.86
CA ALA B 49 5.03 18.95 4.39
C ALA B 49 4.96 17.92 5.50
N VAL B 50 3.76 17.40 5.74
CA VAL B 50 3.55 16.39 6.76
C VAL B 50 2.95 15.12 6.14
N VAL B 51 3.68 14.03 6.30
CA VAL B 51 3.22 12.75 5.76
C VAL B 51 2.47 12.05 6.86
N SER B 52 1.18 11.83 6.64
CA SER B 52 0.37 11.08 7.60
C SER B 52 -0.07 9.71 7.06
N GLU B 53 -0.57 8.89 7.97
CA GLU B 53 -0.80 7.47 7.68
C GLU B 53 -2.27 7.09 7.74
N ARG B 54 -2.59 6.00 7.09
CA ARG B 54 -3.77 5.22 7.42
C ARG B 54 -3.30 3.81 7.65
N HIS B 55 -3.64 3.24 8.81
CA HIS B 55 -3.35 1.83 9.12
C HIS B 55 -1.88 1.46 8.88
N GLY B 56 -0.98 2.38 9.24
CA GLY B 56 0.45 2.13 9.14
C GLY B 56 1.09 2.43 7.80
N ASN B 57 0.29 2.82 6.79
CA ASN B 57 0.82 3.14 5.45
C ASN B 57 0.81 4.65 5.24
N PRO B 58 1.84 5.20 4.56
CA PRO B 58 1.76 6.62 4.26
C PRO B 58 0.59 6.80 3.29
N ALA B 59 -0.27 7.78 3.52
CA ALA B 59 -1.51 7.89 2.72
C ALA B 59 -1.81 9.34 2.33
N ARG B 60 -1.24 10.29 3.05
CA ARG B 60 -1.56 11.65 2.76
C ARG B 60 -0.36 12.52 3.01
N ILE B 61 -0.17 13.48 2.12
CA ILE B 61 0.82 14.48 2.39
C ILE B 61 0.16 15.83 2.38
N THR B 62 0.32 16.52 3.50
CA THR B 62 -0.31 17.83 3.73
C THR B 62 0.74 18.94 3.70
N PHE B 63 0.44 19.98 2.91
CA PHE B 63 1.37 21.09 2.68
C PHE B 63 0.92 22.34 3.40
N LEU B 64 1.77 22.77 4.33
CA LEU B 64 1.50 23.95 5.13
C LEU B 64 2.46 25.06 4.73
N ASP B 65 2.00 26.30 4.89
CA ASP B 65 2.89 27.43 4.78
C ASP B 65 3.45 27.69 6.17
N GLU B 66 4.42 28.60 6.28
CA GLU B 66 5.11 28.89 7.54
C GLU B 66 4.19 29.40 8.66
N ARG B 67 3.04 29.95 8.26
CA ARG B 67 2.02 30.40 9.21
C ARG B 67 1.18 29.24 9.74
N GLY B 68 1.26 28.08 9.12
CA GLY B 68 0.42 26.98 9.53
C GLY B 68 -0.76 26.75 8.58
N GLY B 69 -0.98 27.71 7.69
CA GLY B 69 -2.02 27.61 6.69
C GLY B 69 -1.86 26.42 5.76
N GLU B 70 -2.97 25.74 5.51
CA GLU B 70 -2.95 24.58 4.64
C GLU B 70 -3.01 24.97 3.16
N ARG B 71 -1.94 24.68 2.42
CA ARG B 71 -1.90 24.97 0.98
C ARG B 71 -2.72 23.94 0.18
N GLY B 72 -2.78 22.72 0.69
CA GLY B 72 -3.50 21.64 0.04
C GLY B 72 -2.94 20.33 0.47
N TYR B 73 -3.36 19.25 -0.18
CA TYR B 73 -2.87 17.94 0.17
C TYR B 73 -3.00 16.97 -0.98
N ILE B 74 -2.32 15.83 -0.82
CA ILE B 74 -2.31 14.77 -1.80
C ILE B 74 -2.59 13.44 -1.10
N LEU B 75 -3.56 12.71 -1.61
CA LEU B 75 -3.89 11.34 -1.17
C LEU B 75 -3.21 10.39 -2.12
N PHE B 76 -2.42 9.45 -1.60
CA PHE B 76 -1.55 8.64 -2.43
C PHE B 76 -1.27 7.31 -1.80
N ASN B 77 -0.79 6.37 -2.61
CA ASN B 77 -0.08 5.17 -2.14
C ASN B 77 1.35 5.24 -2.67
N PRO B 78 2.35 4.99 -1.82
CA PRO B 78 3.71 4.94 -2.35
C PRO B 78 3.98 3.66 -3.12
N SER B 79 4.92 3.72 -4.05
CA SER B 79 5.44 2.54 -4.69
C SER B 79 6.94 2.75 -4.87
N PHE B 80 7.73 1.98 -4.16
CA PHE B 80 9.20 2.11 -4.29
C PHE B 80 9.87 0.75 -4.17
N GLU B 81 10.94 0.56 -4.93
CA GLU B 81 11.74 -0.66 -4.88
C GLU B 81 12.73 -0.54 -3.72
N MSE B 82 13.40 -1.66 -3.41
CA MSE B 82 14.34 -1.71 -2.31
C MSE B 82 15.58 -0.83 -2.49
O MSE B 82 15.97 -0.12 -1.56
CB MSE B 82 14.72 -3.17 -2.01
CG MSE B 82 13.52 -4.00 -1.54
SE MSE B 82 12.72 -3.31 0.14
CE MSE B 82 13.92 -4.33 1.40
N LYS B 83 16.19 -0.84 -3.66
CA LYS B 83 17.35 0.04 -3.84
C LYS B 83 17.02 1.51 -4.04
N LYS B 84 17.84 2.37 -3.46
CA LYS B 84 17.70 3.81 -3.62
C LYS B 84 17.99 4.22 -5.06
N PRO B 85 17.30 5.25 -5.57
CA PRO B 85 17.63 5.78 -6.89
C PRO B 85 18.92 6.58 -6.81
N GLU B 86 19.69 6.60 -7.89
CA GLU B 86 20.90 7.42 -7.95
C GLU B 86 20.61 8.83 -8.49
N LYS B 90 18.79 16.47 -7.19
CA LYS B 90 17.43 16.62 -6.70
C LYS B 90 16.41 16.86 -7.83
N ALA B 91 15.37 16.03 -7.85
CA ALA B 91 14.39 16.00 -8.94
C ALA B 91 13.26 16.98 -8.68
N VAL B 92 13.42 18.20 -9.17
CA VAL B 92 12.40 19.22 -8.99
C VAL B 92 11.76 19.63 -10.31
N ARG B 93 12.03 18.84 -11.35
CA ARG B 93 11.47 19.08 -12.67
C ARG B 93 10.55 17.94 -13.14
N VAL B 94 9.58 18.31 -13.95
CA VAL B 94 8.60 17.38 -14.45
C VAL B 94 8.45 17.53 -15.96
N SER B 95 8.25 16.38 -16.62
CA SER B 95 8.18 16.28 -18.06
C SER B 95 7.04 17.12 -18.64
N SER B 96 5.94 17.18 -17.88
CA SER B 96 4.64 17.71 -18.32
C SER B 96 3.67 17.79 -17.14
N CYS B 97 2.86 18.85 -17.03
CA CYS B 97 1.71 18.78 -16.10
C CYS B 97 0.42 18.75 -16.93
N PRO B 98 -0.06 17.54 -17.26
CA PRO B 98 -1.25 17.44 -18.11
C PRO B 98 -2.47 18.08 -17.42
N PRO B 99 -3.47 18.51 -18.21
CA PRO B 99 -4.66 19.17 -17.67
C PRO B 99 -5.28 18.35 -16.57
N GLY B 100 -5.54 19.01 -15.45
CA GLY B 100 -6.13 18.36 -14.32
C GLY B 100 -5.09 17.90 -13.33
N SER B 101 -3.80 18.07 -13.67
CA SER B 101 -2.73 17.67 -12.74
C SER B 101 -1.87 18.82 -12.25
N GLU B 102 -2.18 20.03 -12.68
CA GLU B 102 -1.35 21.18 -12.35
C GLU B 102 -1.19 21.37 -10.84
N GLY B 103 -2.22 20.98 -10.10
CA GLY B 103 -2.24 21.03 -8.64
C GLY B 103 -1.04 20.37 -7.97
N LEU B 104 -0.75 19.13 -8.38
CA LEU B 104 0.44 18.41 -7.94
C LEU B 104 1.75 19.18 -8.09
N CYS B 105 1.98 19.76 -9.28
CA CYS B 105 3.22 20.49 -9.53
C CYS B 105 3.31 21.73 -8.63
N ASN B 106 2.19 22.41 -8.43
CA ASN B 106 2.14 23.58 -7.56
C ASN B 106 2.47 23.16 -6.12
N LEU B 107 1.76 22.18 -5.57
CA LEU B 107 2.01 21.73 -4.18
C LEU B 107 3.48 21.33 -3.93
N MSE B 108 4.06 20.59 -4.87
CA MSE B 108 5.38 20.01 -4.67
C MSE B 108 6.55 20.84 -5.19
O MSE B 108 7.70 20.45 -5.04
CB MSE B 108 5.41 18.62 -5.28
CG MSE B 108 4.36 17.73 -4.67
SE MSE B 108 4.51 15.97 -5.38
CE MSE B 108 6.31 15.44 -4.52
N GLY B 109 6.23 21.99 -5.78
CA GLY B 109 7.24 22.92 -6.22
C GLY B 109 7.98 22.42 -7.44
N LEU B 110 7.25 21.73 -8.31
CA LEU B 110 7.82 21.15 -9.50
C LEU B 110 7.73 22.17 -10.61
N GLU B 111 8.78 22.26 -11.42
CA GLU B 111 8.74 23.14 -12.58
C GLU B 111 8.78 22.31 -13.84
N VAL B 112 7.91 22.67 -14.77
CA VAL B 112 7.74 21.87 -15.97
C VAL B 112 8.89 22.20 -16.91
N ASP B 113 9.13 21.31 -17.86
CA ASP B 113 10.29 21.43 -18.70
C ASP B 113 10.36 20.19 -19.56
N GLU B 114 9.90 20.29 -20.80
CA GLU B 114 9.99 19.14 -21.67
C GLU B 114 11.34 19.12 -22.38
N SER B 115 12.40 19.48 -21.64
CA SER B 115 13.74 19.27 -22.17
C SER B 115 14.87 19.15 -21.11
N ARG B 118 15.31 13.04 -17.78
CA ARG B 118 16.42 12.58 -16.94
C ARG B 118 16.46 13.33 -15.59
N ASP B 119 16.50 12.56 -14.49
CA ASP B 119 16.56 13.12 -13.13
C ASP B 119 15.31 13.94 -12.79
N ALA B 120 14.18 13.52 -13.34
CA ALA B 120 12.98 14.35 -13.34
C ALA B 120 11.75 13.46 -13.18
N TRP B 121 10.65 14.08 -12.74
CA TRP B 121 9.40 13.36 -12.57
C TRP B 121 8.65 13.24 -13.88
N SER B 122 7.85 12.19 -13.99
CA SER B 122 6.92 12.06 -15.10
C SER B 122 5.48 11.88 -14.59
N ILE B 123 4.54 12.68 -15.08
CA ILE B 123 3.10 12.52 -14.75
C ILE B 123 2.32 11.93 -15.92
N ARG B 124 1.57 10.86 -15.65
CA ARG B 124 0.70 10.25 -16.64
C ARG B 124 -0.60 9.79 -15.97
N THR B 125 -1.62 9.57 -16.80
CA THR B 125 -2.94 9.10 -16.40
C THR B 125 -2.86 7.60 -16.10
N ASP B 126 -3.88 7.07 -15.41
CA ASP B 126 -3.89 5.65 -15.00
C ASP B 126 -5.28 5.07 -15.03
N GLU B 127 -5.39 3.77 -15.29
CA GLU B 127 -6.70 3.13 -15.35
C GLU B 127 -7.32 3.03 -13.97
N GLU B 128 -6.47 3.03 -12.92
CA GLU B 128 -6.90 2.87 -11.54
C GLU B 128 -6.75 4.15 -10.73
N TYR B 129 -5.56 4.72 -10.70
CA TYR B 129 -5.28 5.95 -9.94
C TYR B 129 -5.65 7.20 -10.72
N ALA B 130 -5.72 8.33 -10.02
CA ALA B 130 -6.00 9.62 -10.68
C ALA B 130 -4.78 10.01 -11.53
N TRP B 131 -3.59 9.84 -10.97
CA TRP B 131 -2.34 10.17 -11.65
C TRP B 131 -1.25 9.25 -11.10
N VAL B 132 -0.26 8.92 -11.93
CA VAL B 132 0.93 8.22 -11.44
C VAL B 132 2.09 9.18 -11.67
N MSE B 133 2.79 9.55 -10.59
CA MSE B 133 4.00 10.32 -10.70
C MSE B 133 5.19 9.39 -10.54
O MSE B 133 5.38 8.79 -9.49
CB MSE B 133 4.08 11.37 -9.61
CG MSE B 133 3.05 12.46 -9.65
SE MSE B 133 3.61 13.81 -8.33
CE MSE B 133 5.36 14.18 -8.95
N GLU B 134 5.99 9.28 -11.60
CA GLU B 134 7.10 8.35 -11.62
C GLU B 134 8.43 9.07 -11.71
N LEU B 135 9.39 8.65 -10.90
CA LEU B 135 10.74 9.19 -10.97
C LEU B 135 11.58 8.56 -12.09
N MSE B 136 12.03 9.39 -13.04
CA MSE B 136 13.02 8.97 -14.04
C MSE B 136 14.45 9.25 -13.52
O MSE B 136 14.73 10.31 -12.98
CB MSE B 136 12.83 9.69 -15.39
CG MSE B 136 11.40 9.74 -15.88
SE MSE B 136 10.59 7.97 -15.97
CE MSE B 136 10.97 7.53 -17.85
N ASP B 137 15.34 8.28 -13.70
CA ASP B 137 16.68 8.41 -13.14
C ASP B 137 17.58 9.33 -13.97
N ALA B 138 18.79 9.58 -13.45
CA ALA B 138 19.86 10.34 -14.14
C ALA B 138 20.12 9.90 -15.59
N ARG B 139 19.46 8.82 -16.00
CA ARG B 139 19.62 8.26 -17.34
C ARG B 139 18.28 8.29 -18.11
N GLY B 140 17.22 8.71 -17.44
CA GLY B 140 15.91 8.82 -18.09
C GLY B 140 15.05 7.57 -18.06
N THR B 141 15.56 6.49 -17.43
CA THR B 141 14.72 5.31 -17.19
C THR B 141 14.05 5.38 -15.80
N PRO B 142 12.92 4.68 -15.62
CA PRO B 142 12.21 4.71 -14.33
C PRO B 142 13.11 4.26 -13.17
N ALA B 143 13.17 5.07 -12.12
CA ALA B 143 14.08 4.85 -11.00
C ALA B 143 13.52 3.93 -9.92
N GLY B 144 12.25 3.51 -10.08
CA GLY B 144 11.58 2.64 -9.13
C GLY B 144 11.01 3.37 -7.92
N PHE B 145 10.48 4.57 -8.15
CA PHE B 145 9.85 5.36 -7.11
C PHE B 145 8.65 6.03 -7.73
N LYS B 146 7.45 5.72 -7.22
CA LYS B 146 6.23 6.26 -7.79
C LYS B 146 5.35 6.78 -6.68
N LEU B 147 4.65 7.87 -6.95
CA LEU B 147 3.54 8.30 -6.13
C LEU B 147 2.27 7.95 -6.90
N LEU B 148 1.44 7.07 -6.34
CA LEU B 148 0.18 6.70 -6.98
C LEU B 148 -0.93 7.58 -6.40
N ILE B 149 -1.36 8.55 -7.19
CA ILE B 149 -2.22 9.62 -6.66
C ILE B 149 -3.69 9.21 -6.73
N ARG B 150 -4.33 9.20 -5.57
CA ARG B 150 -5.75 8.89 -5.50
C ARG B 150 -6.60 10.15 -5.66
N ASP B 151 -6.11 11.28 -5.15
CA ASP B 151 -6.81 12.56 -5.20
C ASP B 151 -5.86 13.66 -4.71
N PHE B 152 -6.25 14.91 -4.93
CA PHE B 152 -5.53 16.03 -4.34
C PHE B 152 -6.45 17.25 -4.27
N ARG B 153 -6.16 18.15 -3.34
CA ARG B 153 -6.85 19.42 -3.28
C ARG B 153 -5.83 20.53 -3.06
N VAL B 154 -6.01 21.63 -3.80
CA VAL B 154 -5.26 22.87 -3.55
C VAL B 154 -6.27 23.84 -2.92
N GLY B 155 -5.90 24.42 -1.79
CA GLY B 155 -6.76 25.35 -1.03
C GLY B 155 -6.96 24.88 0.40
#